data_8F85
#
_entry.id   8F85
#
_cell.length_a   28.751
_cell.length_b   66.156
_cell.length_c   44.042
_cell.angle_alpha   90.00
_cell.angle_beta   91.73
_cell.angle_gamma   90.00
#
_symmetry.space_group_name_H-M   'P 1 21 1'
#
loop_
_entity.id
_entity.type
_entity.pdbx_description
1 polymer 'Dihydrofolate reductase'
2 non-polymer 'NADP NICOTINAMIDE-ADENINE-DINUCLEOTIDE PHOSPHATE'
3 non-polymer '3-{2-[3-({(6M)-2,4-diamino-6-[2-(trifluoromethyl)phenyl]pyrimidin-5-yl}oxy)propoxy]phenyl}propanoic acid'
4 water water
#
_entity_poly.entity_id   1
_entity_poly.type   'polypeptide(L)'
_entity_poly.pdbx_seq_one_letter_code
;MAHHHHHHMTSVGLIWAQSTSGVIGRDGGIPWRLPEDLAHFKRLTMGHTVVMGRRTWDSLPAAHRPLPGRRNVVVTRQTG
LVAHGAQVVGSLEQALSPAEPDAATWVIGGAQIYALALPLANRCEVTEVDVDLPPEDEDALAPVLDQTWAGTSGEWLVSR
SGLRYRMHSYRRL
;
_entity_poly.pdbx_strand_id   A
#
loop_
_chem_comp.id
_chem_comp.type
_chem_comp.name
_chem_comp.formula
NAP non-polymer 'NADP NICOTINAMIDE-ADENINE-DINUCLEOTIDE PHOSPHATE' 'C21 H28 N7 O17 P3'
XKI non-polymer '3-{2-[3-({(6M)-2,4-diamino-6-[2-(trifluoromethyl)phenyl]pyrimidin-5-yl}oxy)propoxy]phenyl}propanoic acid' 'C23 H23 F3 N4 O4'
#
# COMPACT_ATOMS: atom_id res chain seq x y z
N SER A 11 -4.60 2.84 -15.19
CA SER A 11 -4.12 3.73 -14.14
C SER A 11 -3.47 2.92 -13.02
N VAL A 12 -2.24 3.29 -12.68
CA VAL A 12 -1.46 2.64 -11.63
C VAL A 12 -1.35 3.62 -10.46
N GLY A 13 -1.85 3.20 -9.32
CA GLY A 13 -1.79 3.99 -8.12
C GLY A 13 -1.01 3.27 -7.05
N LEU A 14 -0.36 4.04 -6.19
CA LEU A 14 0.19 3.53 -4.94
C LEU A 14 -0.75 3.94 -3.82
N ILE A 15 -0.87 3.09 -2.83
CA ILE A 15 -1.64 3.41 -1.63
C ILE A 15 -0.85 2.90 -0.45
N TRP A 16 -0.66 3.76 0.56
CA TRP A 16 0.08 3.39 1.76
C TRP A 16 -0.39 4.26 2.92
N ALA A 17 -0.07 3.80 4.12
CA ALA A 17 -0.20 4.57 5.33
C ALA A 17 1.16 4.68 5.99
N GLN A 18 1.49 5.86 6.51
CA GLN A 18 2.78 6.07 7.15
C GLN A 18 2.60 6.87 8.41
N SER A 19 3.48 6.65 9.38
CA SER A 19 3.60 7.62 10.46
C SER A 19 4.12 8.92 9.87
N THR A 20 3.93 10.01 10.62
CA THR A 20 4.52 11.28 10.20
C THR A 20 6.01 11.12 9.98
N SER A 21 6.67 10.30 10.80
CA SER A 21 8.11 10.07 10.68
C SER A 21 8.50 9.26 9.45
N GLY A 22 7.54 8.67 8.74
CA GLY A 22 7.84 7.92 7.52
C GLY A 22 7.92 6.43 7.67
N VAL A 23 7.53 5.88 8.81
CA VAL A 23 7.54 4.44 9.00
C VAL A 23 6.27 3.85 8.40
N ILE A 24 6.43 2.77 7.63
CA ILE A 24 5.30 1.99 7.14
C ILE A 24 5.23 0.58 7.71
N GLY A 25 6.33 0.02 8.23
CA GLY A 25 6.31 -1.35 8.69
C GLY A 25 7.42 -1.60 9.68
N ARG A 26 7.19 -2.57 10.56
CA ARG A 26 8.16 -2.95 11.57
C ARG A 26 7.87 -4.39 11.98
N ASP A 27 8.93 -5.19 12.12
CA ASP A 27 8.82 -6.55 12.65
C ASP A 27 7.83 -7.40 11.85
N GLY A 28 7.79 -7.18 10.54
CA GLY A 28 6.90 -7.96 9.71
C GLY A 28 5.45 -7.56 9.78
N GLY A 29 5.14 -6.43 10.39
CA GLY A 29 3.76 -5.98 10.52
C GLY A 29 3.70 -4.49 10.59
N ILE A 30 2.65 -3.99 11.22
CA ILE A 30 2.32 -2.57 11.24
C ILE A 30 2.38 -2.11 12.68
N PRO A 31 3.14 -1.05 12.99
CA PRO A 31 3.29 -0.62 14.40
C PRO A 31 2.24 0.39 14.87
N TRP A 32 1.00 0.24 14.41
CA TRP A 32 -0.15 0.99 14.91
C TRP A 32 -1.39 0.20 14.50
N ARG A 33 -2.52 0.64 15.02
CA ARG A 33 -3.81 0.15 14.55
C ARG A 33 -4.67 1.36 14.23
N LEU A 34 -5.18 1.44 13.01
CA LEU A 34 -5.96 2.60 12.57
C LEU A 34 -7.14 2.08 11.76
N PRO A 35 -8.26 1.80 12.42
CA PRO A 35 -9.39 1.18 11.71
C PRO A 35 -9.88 1.99 10.53
N GLU A 36 -9.85 3.32 10.63
CA GLU A 36 -10.35 4.14 9.54
C GLU A 36 -9.48 4.02 8.30
N ASP A 37 -8.20 3.71 8.49
CA ASP A 37 -7.35 3.49 7.34
C ASP A 37 -7.60 2.13 6.71
N LEU A 38 -7.79 1.10 7.53
CA LEU A 38 -8.15 -0.20 6.99
C LEU A 38 -9.42 -0.09 6.15
N ALA A 39 -10.40 0.66 6.65
CA ALA A 39 -11.65 0.84 5.91
C ALA A 39 -11.44 1.61 4.60
N HIS A 40 -10.67 2.69 4.65
CA HIS A 40 -10.30 3.46 3.46
C HIS A 40 -9.65 2.57 2.42
N PHE A 41 -8.69 1.76 2.85
CA PHE A 41 -8.00 0.85 1.95
C PHE A 41 -8.96 -0.13 1.30
N LYS A 42 -9.82 -0.75 2.12
CA LYS A 42 -10.75 -1.74 1.61
C LYS A 42 -11.73 -1.09 0.63
N ARG A 43 -12.20 0.12 0.93
CA ARG A 43 -13.13 0.81 0.02
CA ARG A 43 -13.13 0.81 0.02
C ARG A 43 -12.46 1.15 -1.30
N LEU A 44 -11.24 1.67 -1.26
CA LEU A 44 -10.58 2.08 -2.49
C LEU A 44 -10.19 0.87 -3.37
N THR A 45 -9.85 -0.26 -2.76
CA THR A 45 -9.30 -1.35 -3.54
C THR A 45 -10.32 -2.42 -3.92
N MET A 46 -11.49 -2.46 -3.29
CA MET A 46 -12.42 -3.56 -3.52
C MET A 46 -12.77 -3.63 -5.00
N GLY A 47 -12.77 -4.85 -5.56
CA GLY A 47 -13.09 -5.06 -6.95
C GLY A 47 -11.94 -4.84 -7.90
N HIS A 48 -10.77 -4.48 -7.41
CA HIS A 48 -9.64 -4.14 -8.27
C HIS A 48 -8.44 -5.03 -7.99
N THR A 49 -7.40 -4.76 -8.74
CA THR A 49 -6.15 -5.49 -8.61
C THR A 49 -5.26 -4.83 -7.58
N VAL A 50 -4.66 -5.64 -6.72
CA VAL A 50 -3.69 -5.21 -5.73
C VAL A 50 -2.40 -5.95 -5.97
N VAL A 51 -1.32 -5.19 -6.13
CA VAL A 51 0.01 -5.70 -6.40
C VAL A 51 0.87 -5.46 -5.17
N MET A 52 1.58 -6.50 -4.71
CA MET A 52 2.35 -6.39 -3.50
C MET A 52 3.63 -7.20 -3.61
N GLY A 53 4.62 -6.80 -2.83
CA GLY A 53 5.81 -7.61 -2.68
C GLY A 53 5.56 -8.82 -1.81
N ARG A 54 6.44 -9.81 -1.94
CA ARG A 54 6.24 -11.07 -1.24
C ARG A 54 6.25 -10.87 0.27
N ARG A 55 7.06 -9.95 0.79
CA ARG A 55 7.05 -9.77 2.24
C ARG A 55 5.72 -9.20 2.71
N THR A 56 5.10 -8.32 1.93
CA THR A 56 3.77 -7.84 2.28
C THR A 56 2.74 -8.97 2.23
N TRP A 57 2.81 -9.83 1.20
CA TRP A 57 1.94 -11.00 1.17
C TRP A 57 2.09 -11.83 2.44
N ASP A 58 3.32 -12.05 2.90
CA ASP A 58 3.53 -12.83 4.11
C ASP A 58 3.07 -12.09 5.36
N SER A 59 2.96 -10.77 5.32
CA SER A 59 2.53 -9.98 6.46
C SER A 59 1.02 -9.98 6.64
N LEU A 60 0.25 -10.41 5.64
CA LEU A 60 -1.19 -10.29 5.72
C LEU A 60 -1.75 -11.23 6.77
N PRO A 61 -2.63 -10.76 7.65
CA PRO A 61 -3.27 -11.68 8.61
C PRO A 61 -4.14 -12.69 7.90
N ALA A 62 -4.44 -13.78 8.63
CA ALA A 62 -5.05 -14.96 8.03
C ALA A 62 -6.29 -14.66 7.21
N ALA A 63 -7.25 -13.93 7.80
CA ALA A 63 -8.51 -13.59 7.13
C ALA A 63 -8.34 -12.60 5.99
N HIS A 64 -7.11 -12.14 5.74
CA HIS A 64 -6.83 -11.17 4.70
C HIS A 64 -5.78 -11.68 3.71
N ARG A 65 -5.51 -12.98 3.70
CA ARG A 65 -4.48 -13.57 2.83
C ARG A 65 -5.11 -14.73 2.09
N PRO A 66 -5.66 -14.51 0.89
CA PRO A 66 -5.62 -13.27 0.11
C PRO A 66 -6.62 -12.24 0.56
N LEU A 67 -6.43 -11.02 0.06
CA LEU A 67 -7.35 -9.93 0.34
C LEU A 67 -8.65 -10.23 -0.38
N PRO A 68 -9.77 -10.41 0.33
CA PRO A 68 -11.00 -10.87 -0.34
CA PRO A 68 -10.99 -10.86 -0.35
C PRO A 68 -11.54 -9.82 -1.29
N GLY A 69 -12.06 -10.27 -2.42
CA GLY A 69 -12.74 -9.38 -3.34
C GLY A 69 -11.83 -8.58 -4.25
N ARG A 70 -10.54 -8.89 -4.26
CA ARG A 70 -9.53 -8.21 -5.04
C ARG A 70 -8.69 -9.23 -5.73
N ARG A 71 -8.16 -8.87 -6.89
CA ARG A 71 -7.21 -9.72 -7.59
C ARG A 71 -5.84 -9.48 -6.98
N ASN A 72 -5.32 -10.48 -6.25
CA ASN A 72 -4.07 -10.34 -5.54
C ASN A 72 -2.92 -10.80 -6.44
N VAL A 73 -1.91 -9.96 -6.60
CA VAL A 73 -0.73 -10.23 -7.40
C VAL A 73 0.48 -10.05 -6.51
N VAL A 74 1.34 -11.07 -6.45
CA VAL A 74 2.49 -11.09 -5.55
C VAL A 74 3.77 -11.14 -6.38
N VAL A 75 4.67 -10.22 -6.12
CA VAL A 75 5.93 -10.09 -6.82
C VAL A 75 7.04 -10.74 -5.99
N THR A 76 7.73 -11.70 -6.60
CA THR A 76 8.79 -12.48 -5.95
C THR A 76 9.83 -12.86 -6.98
N ARG A 77 11.04 -13.11 -6.53
CA ARG A 77 12.03 -13.76 -7.37
C ARG A 77 12.01 -15.27 -7.21
N GLN A 78 11.22 -15.81 -6.30
CA GLN A 78 11.20 -17.24 -6.07
C GLN A 78 10.31 -17.87 -7.11
N THR A 79 10.92 -18.38 -8.18
CA THR A 79 10.23 -19.29 -9.06
C THR A 79 9.85 -20.52 -8.25
N GLY A 80 8.60 -20.93 -8.36
CA GLY A 80 8.09 -22.03 -7.58
C GLY A 80 7.29 -21.64 -6.37
N LEU A 81 7.27 -20.36 -6.00
CA LEU A 81 6.50 -19.97 -4.84
C LEU A 81 5.02 -20.25 -5.08
N VAL A 82 4.38 -20.87 -4.09
CA VAL A 82 2.95 -21.05 -4.12
C VAL A 82 2.31 -20.06 -3.16
N ALA A 83 1.33 -19.32 -3.66
CA ALA A 83 0.62 -18.31 -2.90
C ALA A 83 -0.86 -18.56 -3.14
N HIS A 84 -1.49 -19.38 -2.30
CA HIS A 84 -2.86 -19.74 -2.55
C HIS A 84 -3.75 -18.49 -2.47
N GLY A 85 -4.55 -18.29 -3.50
CA GLY A 85 -5.42 -17.14 -3.59
C GLY A 85 -4.82 -15.95 -4.29
N ALA A 86 -3.57 -16.03 -4.76
CA ALA A 86 -2.90 -14.94 -5.45
C ALA A 86 -2.26 -15.46 -6.72
N GLN A 87 -1.96 -14.50 -7.61
CA GLN A 87 -1.18 -14.73 -8.81
C GLN A 87 0.26 -14.31 -8.53
N VAL A 88 1.19 -15.23 -8.74
CA VAL A 88 2.60 -14.97 -8.52
C VAL A 88 3.24 -14.55 -9.83
N VAL A 89 3.98 -13.44 -9.78
CA VAL A 89 4.74 -12.95 -10.91
C VAL A 89 6.17 -12.63 -10.47
N GLY A 90 7.04 -12.48 -11.46
CA GLY A 90 8.46 -12.38 -11.18
C GLY A 90 9.07 -11.01 -11.26
N SER A 91 8.27 -9.98 -11.52
CA SER A 91 8.76 -8.62 -11.55
C SER A 91 7.56 -7.69 -11.44
N LEU A 92 7.83 -6.42 -11.09
CA LEU A 92 6.76 -5.44 -11.08
C LEU A 92 6.20 -5.22 -12.49
N GLU A 93 7.07 -5.19 -13.49
CA GLU A 93 6.60 -5.01 -14.86
C GLU A 93 5.61 -6.08 -15.26
N GLN A 94 5.88 -7.34 -14.87
CA GLN A 94 4.91 -8.40 -15.13
C GLN A 94 3.60 -8.12 -14.42
N ALA A 95 3.67 -7.68 -13.15
CA ALA A 95 2.46 -7.42 -12.39
C ALA A 95 1.62 -6.35 -13.07
N LEU A 96 2.26 -5.40 -13.73
CA LEU A 96 1.56 -4.29 -14.37
C LEU A 96 1.26 -4.58 -15.84
N SER A 97 1.47 -5.81 -16.29
CA SER A 97 1.18 -6.25 -17.66
C SER A 97 0.24 -7.45 -17.61
N PRO A 98 -0.94 -7.28 -17.04
CA PRO A 98 -1.85 -8.42 -16.89
C PRO A 98 -2.38 -8.91 -18.22
N ALA A 99 -2.68 -10.21 -18.27
CA ALA A 99 -3.39 -10.76 -19.42
C ALA A 99 -4.83 -10.26 -19.48
N GLU A 100 -5.45 -10.02 -18.32
CA GLU A 100 -6.80 -9.45 -18.25
C GLU A 100 -6.69 -8.05 -17.67
N PRO A 101 -6.97 -6.99 -18.43
CA PRO A 101 -6.78 -5.63 -17.90
C PRO A 101 -7.74 -5.29 -16.78
N ASP A 102 -7.30 -4.37 -15.93
CA ASP A 102 -8.12 -3.80 -14.86
C ASP A 102 -8.12 -2.29 -15.02
N ALA A 103 -9.28 -1.67 -14.81
CA ALA A 103 -9.37 -0.21 -14.87
C ALA A 103 -8.54 0.43 -13.78
N ALA A 104 -8.33 -0.26 -12.67
CA ALA A 104 -7.60 0.30 -11.55
C ALA A 104 -6.67 -0.76 -11.00
N THR A 105 -5.39 -0.44 -10.95
CA THR A 105 -4.41 -1.31 -10.32
C THR A 105 -3.74 -0.52 -9.22
N TRP A 106 -3.72 -1.11 -8.03
CA TRP A 106 -3.14 -0.49 -6.86
C TRP A 106 -1.92 -1.27 -6.43
N VAL A 107 -0.83 -0.56 -6.22
CA VAL A 107 0.36 -1.12 -5.60
C VAL A 107 0.24 -0.84 -4.11
N ILE A 108 0.23 -1.90 -3.31
CA ILE A 108 -0.17 -1.86 -1.92
C ILE A 108 0.98 -2.14 -0.97
N GLY A 109 2.20 -2.16 -1.49
CA GLY A 109 3.40 -2.22 -0.67
C GLY A 109 4.23 -3.45 -0.98
N GLY A 110 5.36 -3.59 -0.29
CA GLY A 110 5.91 -2.71 0.71
C GLY A 110 6.90 -1.71 0.17
N ALA A 111 7.87 -1.36 1.00
CA ALA A 111 8.81 -0.31 0.62
C ALA A 111 9.59 -0.68 -0.63
N GLN A 112 10.02 -1.94 -0.75
CA GLN A 112 10.80 -2.32 -1.92
C GLN A 112 9.99 -2.12 -3.18
N ILE A 113 8.74 -2.58 -3.16
CA ILE A 113 7.91 -2.50 -4.35
C ILE A 113 7.44 -1.07 -4.61
N TYR A 114 7.15 -0.28 -3.57
CA TYR A 114 6.80 1.11 -3.82
C TYR A 114 7.90 1.83 -4.58
N ALA A 115 9.16 1.55 -4.25
CA ALA A 115 10.24 2.27 -4.91
C ALA A 115 10.29 1.95 -6.39
N LEU A 116 10.00 0.69 -6.74
CA LEU A 116 9.99 0.29 -8.15
C LEU A 116 8.79 0.83 -8.87
N ALA A 117 7.66 0.98 -8.16
CA ALA A 117 6.41 1.34 -8.82
C ALA A 117 6.26 2.85 -8.98
N LEU A 118 6.86 3.64 -8.11
CA LEU A 118 6.65 5.08 -8.12
C LEU A 118 6.89 5.70 -9.49
N PRO A 119 7.96 5.38 -10.22
CA PRO A 119 8.15 5.98 -11.55
C PRO A 119 7.09 5.61 -12.56
N LEU A 120 6.33 4.56 -12.31
CA LEU A 120 5.32 4.05 -13.24
C LEU A 120 3.91 4.49 -12.86
N ALA A 121 3.75 5.19 -11.76
CA ALA A 121 2.44 5.46 -11.20
C ALA A 121 1.99 6.87 -11.55
N ASN A 122 0.68 7.06 -11.53
CA ASN A 122 0.11 8.38 -11.74
C ASN A 122 -0.67 8.91 -10.54
N ARG A 123 -0.84 8.12 -9.49
CA ARG A 123 -1.61 8.54 -8.34
C ARG A 123 -1.01 7.89 -7.11
N CYS A 124 -1.03 8.62 -5.99
CA CYS A 124 -0.70 8.06 -4.69
C CYS A 124 -1.78 8.48 -3.70
N GLU A 125 -2.27 7.52 -2.92
CA GLU A 125 -3.24 7.77 -1.87
C GLU A 125 -2.55 7.43 -0.57
N VAL A 126 -2.34 8.45 0.26
CA VAL A 126 -1.48 8.34 1.43
C VAL A 126 -2.28 8.64 2.68
N THR A 127 -2.22 7.77 3.66
CA THR A 127 -2.72 8.07 4.99
C THR A 127 -1.55 8.43 5.88
N GLU A 128 -1.64 9.59 6.53
CA GLU A 128 -0.64 10.03 7.49
C GLU A 128 -1.18 9.78 8.89
N VAL A 129 -0.39 9.12 9.71
CA VAL A 129 -0.77 8.70 11.05
C VAL A 129 0.11 9.46 12.04
N ASP A 130 -0.53 10.24 12.90
CA ASP A 130 0.19 11.03 13.90
C ASP A 130 0.47 10.11 15.09
N VAL A 131 1.50 9.30 14.93
CA VAL A 131 1.96 8.40 15.97
C VAL A 131 3.46 8.57 16.04
N ASP A 132 3.97 8.73 17.25
CA ASP A 132 5.38 9.00 17.43
C ASP A 132 6.13 7.69 17.34
N LEU A 133 6.82 7.48 16.23
CA LEU A 133 7.56 6.27 15.98
C LEU A 133 8.92 6.68 15.47
N PRO A 134 9.85 6.99 16.37
CA PRO A 134 11.22 7.11 15.98
C PRO A 134 11.60 5.90 15.16
N PRO A 135 12.04 6.09 13.92
CA PRO A 135 12.37 4.93 13.09
C PRO A 135 13.48 4.09 13.70
N GLU A 136 13.36 2.79 13.51
CA GLU A 136 14.31 1.78 13.99
C GLU A 136 14.98 1.14 12.79
N ASP A 137 16.10 0.46 13.02
CA ASP A 137 17.03 0.19 11.92
C ASP A 137 16.43 -0.71 10.84
N GLU A 138 15.54 -1.63 11.20
CA GLU A 138 14.96 -2.54 10.23
C GLU A 138 13.58 -2.11 9.76
N ASP A 139 13.15 -0.89 10.06
CA ASP A 139 11.83 -0.46 9.65
C ASP A 139 11.73 -0.34 8.14
N ALA A 140 10.57 -0.65 7.61
CA ALA A 140 10.23 -0.29 6.24
C ALA A 140 9.72 1.14 6.24
N LEU A 141 10.21 1.94 5.31
CA LEU A 141 9.93 3.37 5.25
C LEU A 141 9.15 3.73 4.00
N ALA A 142 8.41 4.83 4.09
CA ALA A 142 7.56 5.28 3.02
C ALA A 142 8.38 5.84 1.86
N PRO A 143 7.85 5.74 0.64
CA PRO A 143 8.46 6.47 -0.47
C PRO A 143 8.35 7.96 -0.25
N VAL A 144 9.23 8.69 -0.92
CA VAL A 144 9.24 10.14 -0.86
C VAL A 144 8.77 10.65 -2.22
N LEU A 145 7.85 11.60 -2.20
CA LEU A 145 7.32 12.18 -3.42
C LEU A 145 8.10 13.45 -3.75
N ASP A 146 8.56 13.55 -4.98
CA ASP A 146 9.33 14.70 -5.44
C ASP A 146 8.41 15.68 -6.15
N GLN A 147 9.03 16.66 -6.83
CA GLN A 147 8.32 17.76 -7.46
C GLN A 147 7.48 17.32 -8.66
N THR A 148 7.60 16.08 -9.13
CA THR A 148 6.72 15.62 -10.21
C THR A 148 5.33 15.23 -9.69
N TRP A 149 5.11 15.30 -8.39
CA TRP A 149 3.84 15.01 -7.77
C TRP A 149 3.26 16.26 -7.12
N ALA A 150 1.94 16.39 -7.15
CA ALA A 150 1.25 17.44 -6.43
C ALA A 150 0.03 16.81 -5.76
N GLY A 151 -0.36 17.37 -4.63
CA GLY A 151 -1.37 16.73 -3.82
C GLY A 151 -2.33 17.68 -3.15
N THR A 152 -3.31 17.04 -2.55
CA THR A 152 -4.34 17.68 -1.75
CA THR A 152 -4.37 17.66 -1.77
C THR A 152 -4.48 16.89 -0.47
N SER A 153 -4.78 17.59 0.63
CA SER A 153 -4.81 17.00 1.95
C SER A 153 -6.19 17.16 2.56
N GLY A 154 -6.74 16.07 3.09
CA GLY A 154 -7.93 16.17 3.90
C GLY A 154 -7.62 16.80 5.24
N GLU A 155 -8.68 17.03 5.99
CA GLU A 155 -8.52 17.57 7.34
C GLU A 155 -7.94 16.51 8.26
N TRP A 156 -7.23 16.96 9.29
CA TRP A 156 -6.86 16.07 10.37
C TRP A 156 -8.11 15.59 11.08
N LEU A 157 -8.22 14.28 11.23
CA LEU A 157 -9.33 13.61 11.86
C LEU A 157 -8.79 12.83 13.04
N VAL A 158 -9.68 12.46 13.95
CA VAL A 158 -9.32 11.62 15.09
C VAL A 158 -10.03 10.29 14.96
N SER A 159 -9.25 9.22 15.01
CA SER A 159 -9.81 7.90 14.97
C SER A 159 -10.66 7.59 16.20
N ARG A 160 -11.65 6.71 16.02
CA ARG A 160 -12.39 6.18 17.15
C ARG A 160 -11.46 5.50 18.14
N SER A 161 -10.28 5.05 17.68
CA SER A 161 -9.24 4.39 18.45
CA SER A 161 -9.33 4.40 18.57
C SER A 161 -8.28 5.37 19.12
N GLY A 162 -8.30 6.65 18.75
CA GLY A 162 -7.52 7.68 19.42
C GLY A 162 -6.46 8.41 18.58
N LEU A 163 -5.96 7.78 17.52
CA LEU A 163 -4.89 8.43 16.74
C LEU A 163 -5.43 9.51 15.83
N ARG A 164 -4.70 10.62 15.73
CA ARG A 164 -4.95 11.59 14.68
C ARG A 164 -4.41 11.07 13.35
N TYR A 165 -5.14 11.34 12.28
CA TYR A 165 -4.74 10.85 10.97
C TYR A 165 -5.33 11.78 9.92
N ARG A 166 -4.77 11.73 8.73
CA ARG A 166 -5.37 12.44 7.62
C ARG A 166 -4.97 11.78 6.32
N MET A 167 -5.80 11.98 5.30
CA MET A 167 -5.56 11.39 4.00
C MET A 167 -5.09 12.45 3.03
N HIS A 168 -4.15 12.06 2.18
CA HIS A 168 -3.60 12.89 1.13
C HIS A 168 -3.77 12.18 -0.19
N SER A 169 -4.06 12.93 -1.24
CA SER A 169 -4.23 12.38 -2.58
CA SER A 169 -4.22 12.38 -2.58
C SER A 169 -3.29 13.14 -3.51
N TYR A 170 -2.36 12.41 -4.13
CA TYR A 170 -1.38 12.98 -5.03
C TYR A 170 -1.60 12.44 -6.43
N ARG A 171 -1.34 13.29 -7.40
CA ARG A 171 -1.38 12.90 -8.79
C ARG A 171 -0.13 13.43 -9.49
N ARG A 172 0.33 12.68 -10.47
CA ARG A 172 1.49 13.08 -11.24
C ARG A 172 1.16 14.34 -12.02
N LEU A 173 2.06 15.31 -11.95
CA LEU A 173 1.90 16.54 -12.72
C LEU A 173 2.18 16.32 -14.20
PA NAP B . 7.96 -5.88 0.16
O1A NAP B . 6.56 -6.13 0.55
O2A NAP B . 8.29 -4.72 -0.74
O5B NAP B . 8.49 -7.25 -0.42
C5B NAP B . 9.87 -7.41 -0.80
C4B NAP B . 9.98 -8.67 -1.62
O4B NAP B . 9.47 -8.41 -2.95
C3B NAP B . 11.40 -9.17 -1.85
O3B NAP B . 11.89 -9.84 -0.70
C2B NAP B . 11.19 -10.03 -3.08
O2B NAP B . 10.51 -11.23 -2.79
C1B NAP B . 10.22 -9.15 -3.88
N9A NAP B . 10.89 -8.26 -4.81
C8A NAP B . 11.49 -7.05 -4.54
N7A NAP B . 12.03 -6.51 -5.60
C5A NAP B . 11.79 -7.43 -6.62
C6A NAP B . 12.11 -7.44 -7.98
N6A NAP B . 12.78 -6.47 -8.59
N1A NAP B . 11.71 -8.52 -8.72
C2A NAP B . 11.05 -9.50 -8.10
N3A NAP B . 10.68 -9.59 -6.82
C4A NAP B . 11.09 -8.51 -6.14
O3 NAP B . 8.88 -5.80 1.48
PN NAP B . 9.16 -4.65 2.57
O1N NAP B . 9.69 -3.42 1.90
O2N NAP B . 9.99 -5.29 3.62
O5D NAP B . 7.72 -4.28 3.13
C5D NAP B . 7.03 -5.15 4.06
C4D NAP B . 6.71 -4.37 5.30
O4D NAP B . 5.88 -3.24 4.99
C3D NAP B . 5.97 -5.14 6.39
O3D NAP B . 6.31 -4.61 7.68
C2D NAP B . 4.51 -4.80 6.08
O2D NAP B . 3.69 -4.99 7.23
C1D NAP B . 4.66 -3.32 5.73
N1N NAP B . 3.61 -2.75 4.87
C2N NAP B . 3.10 -1.52 5.22
C3N NAP B . 2.18 -0.90 4.40
C7N NAP B . 1.63 0.43 4.78
O7N NAP B . 0.96 1.07 3.95
N7N NAP B . 1.90 0.92 5.97
C4N NAP B . 1.78 -1.53 3.22
C5N NAP B . 2.31 -2.75 2.88
C6N NAP B . 3.24 -3.35 3.70
P2B NAP B . 11.34 -12.60 -2.60
O1X NAP B . 12.15 -12.81 -3.85
O2X NAP B . 12.18 -12.39 -1.38
O3X NAP B . 10.25 -13.61 -2.38
C15 XKI C . -8.29 -5.69 3.80
C8 XKI C . -2.96 -5.53 7.09
C9 XKI C . -3.49 -5.85 8.32
C14 XKI C . -7.47 -5.36 5.05
C13 XKI C . -6.02 -5.71 4.85
C12 XKI C . -5.15 -5.75 6.08
C11 XKI C . -5.65 -6.08 7.32
C10 XKI C . -4.83 -6.12 8.45
C5 XKI C . -1.74 -4.41 3.13
C3 XKI C . -2.27 -0.80 3.41
C4 XKI C . -2.41 -3.10 2.79
N2 XKI C . -2.47 1.31 2.26
C1 XKI C . -3.24 1.72 3.28
C21 XKI C . -4.35 -2.46 7.88
C20 XKI C . -3.14 -1.81 7.90
C19 XKI C . -1.35 -0.45 6.79
C18 XKI C . -2.69 -1.12 6.77
C22 XKI C . -5.12 -2.44 6.74
C16 XKI C . -3.07 -0.31 4.42
C17 XKI C . -3.48 -1.08 5.62
C2 XKI C . -1.99 0.07 2.34
C23 XKI C . -4.69 -1.76 5.62
C6 XKI C . -1.94 -4.79 4.57
C7 XKI C . -3.77 -5.46 5.98
F1 XKI C . -0.88 -0.28 8.02
F2 XKI C . -0.44 -1.18 6.12
F3 XKI C . -1.36 0.75 6.22
N1 XKI C . -3.74 2.97 3.24
N3 XKI C . -1.20 -0.33 1.31
N4 XKI C . -3.55 0.96 4.34
O1 XKI C . -1.72 -2.05 3.48
O2 XKI C . -3.32 -5.14 4.74
O3 XKI C . -8.37 -4.82 2.92
O4 XKI C . -8.80 -6.82 3.73
#